data_5INQ
#
_entry.id   5INQ
#
_cell.length_a   54.702
_cell.length_b   67.504
_cell.length_c   167.529
_cell.angle_alpha   90.000
_cell.angle_beta   90.000
_cell.angle_gamma   90.000
#
_symmetry.space_group_name_H-M   'P 21 21 21'
#
loop_
_entity.id
_entity.type
_entity.pdbx_description
1 polymer 'Tyrosyl-DNA phosphodiesterase 2'
2 polymer "DNA (5'-D(P*CP*CP*GP*AP*AP*TP*TP*CP*G)-3')"
3 non-polymer 'CALCIUM ION'
4 non-polymer DI(HYDROXYETHYL)ETHER
5 non-polymer '4-(2-HYDROXYETHYL)-1-PIPERAZINE ETHANESULFONIC ACID'
6 non-polymer GLYCEROL
7 water water
#
loop_
_entity_poly.entity_id
_entity_poly.type
_entity_poly.pdbx_seq_one_letter_code
_entity_poly.pdbx_strand_id
1 'polypeptide(L)'
;SKGLEDSSTISFITWNIDGLDGCNLPERARGVCSCLALYSPDVVFLQEVIPPYCAYLKKRAASYTIITGNEEGYFTAILL
KKGRVKFKSQEIIPFPNTKMMRNLLCVNVSLGGNEFCLMTSHLESTREHSAERIRQLKTVLGKMQEAPDSTTVIFAGDTN
LRDQEVIKCGGLPDNVFDAWEFLGKPKHCQYTWDTKANNNLRIPAAYKHRFDRIFFRAEEGHLIPQSLDLVGLEKLDCGR
FPSDHWGLLCTLNVVL
;
A,B
2 'polydeoxyribonucleotide' (DC)(DC)(DG)(DA)(DA)(DT)(DT)(DC)(DG) C,D
#
loop_
_chem_comp.id
_chem_comp.type
_chem_comp.name
_chem_comp.formula
CA non-polymer 'CALCIUM ION' 'Ca 2'
DA DNA linking 2'-DEOXYADENOSINE-5'-MONOPHOSPHATE 'C10 H14 N5 O6 P'
DC DNA linking 2'-DEOXYCYTIDINE-5'-MONOPHOSPHATE 'C9 H14 N3 O7 P'
DG DNA linking 2'-DEOXYGUANOSINE-5'-MONOPHOSPHATE 'C10 H14 N5 O7 P'
DT DNA linking THYMIDINE-5'-MONOPHOSPHATE 'C10 H15 N2 O8 P'
EPE non-polymer '4-(2-HYDROXYETHYL)-1-PIPERAZINE ETHANESULFONIC ACID' 'C8 H18 N2 O4 S'
GOL non-polymer GLYCEROL 'C3 H8 O3'
PEG non-polymer DI(HYDROXYETHYL)ETHER 'C4 H10 O3'
#
# COMPACT_ATOMS: atom_id res chain seq x y z
N LYS A 2 -25.40 1.39 -38.93
CA LYS A 2 -24.28 0.45 -39.09
C LYS A 2 -24.49 -0.42 -40.31
N GLY A 3 -23.85 -0.05 -41.41
CA GLY A 3 -24.06 -0.70 -42.69
C GLY A 3 -22.89 -1.57 -43.09
N LEU A 4 -22.85 -1.91 -44.36
CA LEU A 4 -21.84 -2.80 -44.91
C LEU A 4 -20.43 -2.35 -44.54
N GLU A 5 -20.15 -1.06 -44.75
CA GLU A 5 -18.82 -0.52 -44.54
C GLU A 5 -18.30 -0.74 -43.12
N ASP A 6 -19.18 -0.59 -42.13
CA ASP A 6 -18.77 -0.65 -40.73
C ASP A 6 -18.81 -2.06 -40.15
N SER A 7 -19.11 -3.05 -41.00
CA SER A 7 -19.32 -4.41 -40.52
C SER A 7 -18.09 -5.06 -39.86
N SER A 8 -16.90 -4.57 -40.17
CA SER A 8 -15.67 -5.16 -39.62
C SER A 8 -15.28 -4.55 -38.27
N THR A 9 -16.10 -3.62 -37.78
CA THR A 9 -15.79 -2.90 -36.56
C THR A 9 -16.71 -3.31 -35.41
N ILE A 10 -16.13 -3.51 -34.23
CA ILE A 10 -16.91 -3.63 -33.01
C ILE A 10 -16.78 -2.29 -32.27
N SER A 11 -17.92 -1.75 -31.84
CA SER A 11 -17.90 -0.55 -31.02
C SER A 11 -18.56 -0.88 -29.68
N PHE A 12 -18.03 -0.29 -28.62
CA PHE A 12 -18.58 -0.48 -27.31
C PHE A 12 -18.33 0.67 -26.38
N ILE A 13 -19.12 0.69 -25.32
CA ILE A 13 -18.95 1.64 -24.22
C ILE A 13 -18.71 0.84 -22.95
N THR A 14 -17.75 1.26 -22.13
CA THR A 14 -17.62 0.69 -20.79
C THR A 14 -17.82 1.82 -19.79
N TRP A 15 -18.57 1.55 -18.71
CA TRP A 15 -19.01 2.64 -17.85
C TRP A 15 -19.45 2.12 -16.49
N ASN A 16 -18.82 2.61 -15.44
CA ASN A 16 -19.33 2.43 -14.09
C ASN A 16 -20.37 3.52 -13.87
N ILE A 17 -21.62 3.11 -13.77
CA ILE A 17 -22.73 4.05 -13.78
C ILE A 17 -23.28 4.39 -12.39
N ASP A 18 -22.54 3.98 -11.36
CA ASP A 18 -22.76 4.42 -9.99
C ASP A 18 -24.20 4.17 -9.52
N GLY A 19 -24.65 2.92 -9.66
CA GLY A 19 -25.99 2.53 -9.25
C GLY A 19 -26.18 2.53 -7.75
N LEU A 20 -25.07 2.57 -7.00
CA LEU A 20 -25.14 2.66 -5.54
C LEU A 20 -25.50 4.06 -5.05
N ASP A 21 -25.39 5.06 -5.91
CA ASP A 21 -25.88 6.41 -5.60
C ASP A 21 -27.33 6.43 -6.02
N GLY A 22 -28.25 6.32 -5.06
CA GLY A 22 -29.67 6.29 -5.35
C GLY A 22 -30.25 7.66 -5.73
N CYS A 23 -29.52 8.73 -5.48
CA CYS A 23 -30.07 10.08 -5.69
C CYS A 23 -30.08 10.42 -7.19
N ASN A 24 -31.25 10.83 -7.68
CA ASN A 24 -31.48 11.10 -9.10
C ASN A 24 -31.24 9.90 -10.02
N LEU A 25 -31.28 8.67 -9.50
CA LEU A 25 -30.88 7.52 -10.29
C LEU A 25 -31.73 7.34 -11.58
N PRO A 26 -33.05 7.52 -11.50
CA PRO A 26 -33.82 7.32 -12.75
C PRO A 26 -33.42 8.31 -13.85
N GLU A 27 -33.22 9.56 -13.49
CA GLU A 27 -32.82 10.54 -14.49
C GLU A 27 -31.40 10.28 -14.98
N ARG A 28 -30.54 9.83 -14.08
CA ARG A 28 -29.18 9.49 -14.50
C ARG A 28 -29.14 8.28 -15.41
N ALA A 29 -29.98 7.27 -15.17
CA ALA A 29 -30.14 6.15 -16.08
C ALA A 29 -30.60 6.63 -17.46
N ARG A 30 -31.55 7.57 -17.50
CA ARG A 30 -32.01 8.10 -18.79
C ARG A 30 -30.87 8.78 -19.52
N GLY A 31 -29.98 9.44 -18.77
CA GLY A 31 -28.79 10.04 -19.34
C GLY A 31 -27.85 9.00 -19.96
N VAL A 32 -27.65 7.88 -19.27
CA VAL A 32 -26.82 6.82 -19.83
C VAL A 32 -27.46 6.28 -21.07
N CYS A 33 -28.77 6.07 -21.01
CA CYS A 33 -29.48 5.53 -22.15
C CYS A 33 -29.48 6.50 -23.32
N SER A 34 -29.46 7.81 -23.07
CA SER A 34 -29.41 8.78 -24.17
C SER A 34 -28.06 8.67 -24.89
N CYS A 35 -27.01 8.39 -24.13
CA CYS A 35 -25.70 8.19 -24.70
CA CYS A 35 -25.68 8.15 -24.69
C CYS A 35 -25.66 6.91 -25.56
N LEU A 36 -26.24 5.82 -25.08
CA LEU A 36 -26.32 4.61 -25.87
C LEU A 36 -27.10 4.83 -27.17
N ALA A 37 -28.14 5.64 -27.12
CA ALA A 37 -28.96 5.91 -28.29
C ALA A 37 -28.17 6.72 -29.33
N LEU A 38 -27.32 7.63 -28.87
CA LEU A 38 -26.53 8.45 -29.76
C LEU A 38 -25.48 7.65 -30.54
N TYR A 39 -24.82 6.71 -29.88
CA TYR A 39 -23.67 6.01 -30.47
C TYR A 39 -24.03 4.59 -30.90
N SER A 40 -25.12 4.06 -30.37
CA SER A 40 -25.60 2.73 -30.75
C SER A 40 -24.46 1.70 -30.80
N PRO A 41 -23.73 1.59 -29.69
CA PRO A 41 -22.64 0.61 -29.60
C PRO A 41 -23.15 -0.82 -29.74
N ASP A 42 -22.31 -1.71 -30.26
CA ASP A 42 -22.67 -3.13 -30.37
C ASP A 42 -22.81 -3.76 -29.00
N VAL A 43 -21.93 -3.33 -28.08
CA VAL A 43 -21.82 -3.90 -26.75
C VAL A 43 -21.68 -2.80 -25.72
N VAL A 44 -22.21 -3.01 -24.53
CA VAL A 44 -22.03 -2.09 -23.41
C VAL A 44 -21.58 -2.89 -22.18
N PHE A 45 -20.48 -2.48 -21.59
CA PHE A 45 -19.96 -3.08 -20.38
C PHE A 45 -20.31 -2.14 -19.25
N LEU A 46 -21.15 -2.57 -18.30
CA LEU A 46 -21.54 -1.72 -17.18
C LEU A 46 -21.07 -2.25 -15.83
N GLN A 47 -20.72 -1.33 -14.94
CA GLN A 47 -20.43 -1.68 -13.55
C GLN A 47 -21.30 -0.89 -12.57
N GLU A 48 -21.48 -1.46 -11.38
CA GLU A 48 -22.32 -0.93 -10.31
C GLU A 48 -23.77 -0.79 -10.75
N VAL A 49 -24.24 -1.80 -11.47
CA VAL A 49 -25.66 -1.96 -11.80
C VAL A 49 -26.39 -2.53 -10.58
N ILE A 50 -27.62 -2.08 -10.33
CA ILE A 50 -28.48 -2.64 -9.30
C ILE A 50 -29.79 -3.09 -9.96
N PRO A 51 -30.59 -3.91 -9.27
CA PRO A 51 -31.75 -4.44 -9.98
C PRO A 51 -32.73 -3.39 -10.53
N PRO A 52 -33.03 -2.32 -9.79
CA PRO A 52 -33.89 -1.28 -10.35
C PRO A 52 -33.31 -0.68 -11.63
N TYR A 53 -31.98 -0.56 -11.70
CA TYR A 53 -31.32 -0.05 -12.89
C TYR A 53 -31.55 -0.96 -14.10
N CYS A 54 -31.59 -2.28 -13.88
CA CYS A 54 -31.89 -3.20 -14.98
C CYS A 54 -33.25 -2.91 -15.57
N ALA A 55 -34.20 -2.58 -14.71
CA ALA A 55 -35.53 -2.21 -15.16
C ALA A 55 -35.48 -0.96 -16.03
N TYR A 56 -34.70 0.04 -15.63
CA TYR A 56 -34.60 1.28 -16.41
C TYR A 56 -34.02 0.99 -17.80
N LEU A 57 -33.03 0.10 -17.85
CA LEU A 57 -32.39 -0.30 -19.10
C LEU A 57 -33.34 -1.07 -20.00
N LYS A 58 -34.18 -1.93 -19.42
CA LYS A 58 -35.15 -2.65 -20.23
C LYS A 58 -36.15 -1.66 -20.84
N LYS A 59 -36.38 -0.54 -20.16
CA LYS A 59 -37.29 0.48 -20.69
C LYS A 59 -36.64 1.44 -21.70
N ARG A 60 -35.46 1.96 -21.39
CA ARG A 60 -34.85 3.02 -22.20
C ARG A 60 -33.70 2.52 -23.11
N ALA A 61 -33.40 1.23 -23.04
CA ALA A 61 -32.40 0.60 -23.93
C ALA A 61 -32.88 -0.79 -24.32
N ALA A 62 -34.12 -0.85 -24.79
CA ALA A 62 -34.81 -2.09 -25.04
C ALA A 62 -34.17 -2.94 -26.15
N SER A 63 -33.33 -2.33 -26.98
CA SER A 63 -32.71 -3.05 -28.09
C SER A 63 -31.46 -3.82 -27.65
N TYR A 64 -31.17 -3.82 -26.34
CA TYR A 64 -30.04 -4.55 -25.78
C TYR A 64 -30.53 -5.68 -24.90
N THR A 65 -29.98 -6.88 -25.11
CA THR A 65 -30.10 -7.98 -24.17
C THR A 65 -29.16 -7.74 -23.01
N ILE A 66 -29.65 -7.94 -21.78
CA ILE A 66 -28.85 -7.70 -20.59
C ILE A 66 -28.35 -9.02 -19.99
N ILE A 67 -27.04 -9.14 -19.80
CA ILE A 67 -26.45 -10.27 -19.07
C ILE A 67 -25.80 -9.75 -17.80
N THR A 68 -26.15 -10.32 -16.63
CA THR A 68 -25.70 -9.73 -15.37
C THR A 68 -24.72 -10.61 -14.60
N GLY A 69 -23.91 -9.97 -13.76
CA GLY A 69 -22.89 -10.66 -13.00
C GLY A 69 -23.40 -11.18 -11.66
N ASN A 70 -24.61 -10.78 -11.30
CA ASN A 70 -25.26 -11.27 -10.09
C ASN A 70 -26.74 -10.87 -10.09
N GLU A 71 -27.45 -11.26 -9.04
CA GLU A 71 -28.90 -11.18 -8.97
C GLU A 71 -29.38 -10.09 -8.01
N GLU A 72 -28.57 -9.83 -7.00
CA GLU A 72 -28.91 -8.86 -5.96
C GLU A 72 -27.65 -8.08 -5.58
N GLY A 73 -27.84 -7.08 -4.74
CA GLY A 73 -26.78 -6.15 -4.41
C GLY A 73 -26.47 -5.28 -5.61
N TYR A 74 -25.18 -5.15 -5.92
CA TYR A 74 -24.73 -4.45 -7.10
C TYR A 74 -23.78 -5.35 -7.85
N PHE A 75 -23.71 -5.16 -9.16
CA PHE A 75 -23.04 -6.10 -10.04
C PHE A 75 -22.76 -5.49 -11.41
N THR A 76 -21.98 -6.20 -12.21
CA THR A 76 -21.71 -5.76 -13.55
C THR A 76 -22.78 -6.29 -14.49
N ALA A 77 -22.76 -5.78 -15.72
CA ALA A 77 -23.58 -6.33 -16.77
C ALA A 77 -22.94 -6.10 -18.12
N ILE A 78 -23.27 -6.96 -19.08
CA ILE A 78 -22.87 -6.78 -20.47
C ILE A 78 -24.16 -6.75 -21.28
N LEU A 79 -24.32 -5.66 -22.02
CA LEU A 79 -25.46 -5.46 -22.91
C LEU A 79 -25.07 -5.78 -24.34
N LEU A 80 -25.93 -6.51 -25.05
CA LEU A 80 -25.66 -6.97 -26.43
C LEU A 80 -26.71 -6.46 -27.41
N LYS A 81 -26.29 -5.77 -28.46
CA LYS A 81 -27.26 -5.20 -29.41
C LYS A 81 -28.01 -6.30 -30.14
N LYS A 82 -29.34 -6.30 -30.03
CA LYS A 82 -30.14 -7.33 -30.70
C LYS A 82 -30.02 -7.19 -32.21
N GLY A 83 -29.93 -8.32 -32.91
CA GLY A 83 -29.82 -8.29 -34.35
C GLY A 83 -28.39 -8.11 -34.86
N ARG A 84 -27.49 -7.71 -33.97
CA ARG A 84 -26.07 -7.61 -34.31
C ARG A 84 -25.22 -8.68 -33.65
N VAL A 85 -25.55 -9.00 -32.40
CA VAL A 85 -24.75 -9.89 -31.57
C VAL A 85 -25.52 -11.17 -31.32
N LYS A 86 -24.88 -12.31 -31.61
CA LYS A 86 -25.46 -13.59 -31.25
C LYS A 86 -24.85 -14.05 -29.93
N PHE A 87 -25.69 -14.26 -28.93
CA PHE A 87 -25.25 -14.68 -27.61
C PHE A 87 -25.03 -16.18 -27.60
N LYS A 88 -23.83 -16.64 -27.24
CA LYS A 88 -23.52 -18.07 -27.23
C LYS A 88 -23.45 -18.63 -25.83
N SER A 89 -22.82 -17.92 -24.90
CA SER A 89 -22.87 -18.33 -23.51
C SER A 89 -22.40 -17.25 -22.53
N GLN A 90 -22.83 -17.41 -21.29
N GLN A 90 -22.72 -17.42 -21.26
CA GLN A 90 -22.42 -16.59 -20.15
CA GLN A 90 -22.20 -16.52 -20.24
C GLN A 90 -21.51 -17.42 -19.25
C GLN A 90 -21.48 -17.30 -19.14
N GLU A 91 -20.42 -16.82 -18.77
N GLU A 91 -20.26 -16.87 -18.86
CA GLU A 91 -19.55 -17.48 -17.79
CA GLU A 91 -19.45 -17.45 -17.80
C GLU A 91 -19.17 -16.49 -16.68
C GLU A 91 -19.30 -16.46 -16.66
N ILE A 92 -19.21 -16.96 -15.44
CA ILE A 92 -18.85 -16.14 -14.29
C ILE A 92 -17.74 -16.85 -13.55
N ILE A 93 -16.63 -16.14 -13.33
CA ILE A 93 -15.49 -16.61 -12.58
C ILE A 93 -15.48 -15.87 -11.26
N PRO A 94 -15.39 -16.59 -10.16
CA PRO A 94 -15.40 -15.92 -8.86
C PRO A 94 -14.06 -15.32 -8.49
N PHE A 95 -14.09 -14.31 -7.63
CA PHE A 95 -12.91 -13.81 -6.94
C PHE A 95 -13.07 -14.29 -5.48
N PRO A 96 -12.46 -15.42 -5.11
CA PRO A 96 -12.74 -16.03 -3.80
C PRO A 96 -12.49 -15.13 -2.59
N ASN A 97 -11.57 -14.19 -2.68
CA ASN A 97 -11.24 -13.33 -1.54
C ASN A 97 -11.84 -11.92 -1.59
N THR A 98 -12.74 -11.65 -2.53
CA THR A 98 -13.38 -10.34 -2.57
C THR A 98 -14.19 -10.10 -1.29
N LYS A 99 -14.17 -8.86 -0.82
CA LYS A 99 -15.01 -8.42 0.28
C LYS A 99 -16.14 -7.54 -0.24
N MET A 100 -16.27 -7.47 -1.57
CA MET A 100 -17.17 -6.52 -2.20
C MET A 100 -18.00 -7.15 -3.30
N MET A 101 -18.18 -8.47 -3.21
CA MET A 101 -18.98 -9.25 -4.17
C MET A 101 -18.51 -9.10 -5.63
N ARG A 102 -17.24 -8.78 -5.83
CA ARG A 102 -16.74 -8.62 -7.19
C ARG A 102 -16.48 -9.99 -7.84
N ASN A 103 -16.59 -10.01 -9.17
CA ASN A 103 -16.31 -11.22 -9.93
C ASN A 103 -15.91 -10.88 -11.36
N LEU A 104 -15.76 -11.91 -12.19
CA LEU A 104 -15.37 -11.72 -13.58
C LEU A 104 -16.49 -12.29 -14.44
N LEU A 105 -17.16 -11.41 -15.17
CA LEU A 105 -18.26 -11.76 -16.04
C LEU A 105 -17.80 -11.85 -17.50
N CYS A 106 -17.98 -13.02 -18.11
CA CYS A 106 -17.59 -13.28 -19.50
C CYS A 106 -18.81 -13.64 -20.33
N VAL A 107 -18.88 -13.08 -21.53
CA VAL A 107 -19.93 -13.46 -22.46
C VAL A 107 -19.32 -13.79 -23.82
N ASN A 108 -19.65 -15.00 -24.30
CA ASN A 108 -19.19 -15.49 -25.57
C ASN A 108 -20.23 -15.21 -26.65
N VAL A 109 -19.79 -14.52 -27.70
CA VAL A 109 -20.70 -14.09 -28.74
C VAL A 109 -20.09 -14.19 -30.13
N SER A 110 -20.93 -14.11 -31.15
CA SER A 110 -20.44 -13.85 -32.49
C SER A 110 -20.98 -12.50 -32.95
N LEU A 111 -20.11 -11.72 -33.58
CA LEU A 111 -20.43 -10.38 -34.05
C LEU A 111 -19.60 -10.12 -35.30
N GLY A 112 -20.22 -9.54 -36.32
CA GLY A 112 -19.51 -9.21 -37.55
C GLY A 112 -18.81 -10.40 -38.19
N GLY A 113 -19.31 -11.61 -37.91
CA GLY A 113 -18.72 -12.82 -38.43
C GLY A 113 -17.40 -13.19 -37.73
N ASN A 114 -17.28 -12.85 -36.45
CA ASN A 114 -16.14 -13.22 -35.64
C ASN A 114 -16.56 -13.65 -34.24
N GLU A 115 -15.80 -14.58 -33.66
CA GLU A 115 -16.04 -15.04 -32.29
C GLU A 115 -15.31 -14.18 -31.27
N PHE A 116 -16.05 -13.72 -30.26
CA PHE A 116 -15.49 -12.92 -29.19
C PHE A 116 -15.73 -13.53 -27.81
N CYS A 117 -14.77 -13.33 -26.92
CA CYS A 117 -15.00 -13.47 -25.49
C CYS A 117 -14.89 -12.09 -24.84
N LEU A 118 -16.03 -11.59 -24.38
CA LEU A 118 -16.13 -10.22 -23.86
C LEU A 118 -16.19 -10.27 -22.35
N MET A 119 -15.31 -9.54 -21.69
CA MET A 119 -15.13 -9.66 -20.23
C MET A 119 -15.28 -8.34 -19.53
N THR A 120 -15.91 -8.34 -18.36
CA THR A 120 -15.89 -7.14 -17.55
C THR A 120 -15.84 -7.48 -16.07
N SER A 121 -15.39 -6.49 -15.31
CA SER A 121 -15.27 -6.61 -13.88
C SER A 121 -15.14 -5.23 -13.28
N HIS A 122 -15.41 -5.18 -11.98
CA HIS A 122 -15.27 -3.98 -11.17
C HIS A 122 -14.30 -4.42 -10.07
N LEU A 123 -13.02 -4.18 -10.26
CA LEU A 123 -12.04 -4.74 -9.33
C LEU A 123 -12.12 -4.03 -7.98
N GLU A 124 -11.71 -4.76 -6.95
CA GLU A 124 -11.76 -4.30 -5.57
C GLU A 124 -11.36 -2.84 -5.45
N SER A 125 -12.18 -2.07 -4.76
CA SER A 125 -12.05 -0.61 -4.63
C SER A 125 -11.15 -0.14 -3.50
N THR A 126 -10.57 1.04 -3.77
CA THR A 126 -9.80 1.88 -2.84
C THR A 126 -8.33 1.48 -2.73
N ARG A 127 -7.51 2.44 -2.34
CA ARG A 127 -6.08 2.22 -2.22
C ARG A 127 -5.81 1.10 -1.23
N GLU A 128 -6.64 1.03 -0.20
CA GLU A 128 -6.41 0.13 0.93
C GLU A 128 -6.55 -1.34 0.55
N HIS A 129 -7.21 -1.62 -0.58
CA HIS A 129 -7.41 -2.99 -1.03
C HIS A 129 -6.59 -3.28 -2.28
N SER A 130 -5.45 -2.61 -2.38
CA SER A 130 -4.52 -2.80 -3.49
C SER A 130 -4.10 -4.28 -3.69
N ALA A 131 -3.81 -4.99 -2.61
CA ALA A 131 -3.35 -6.38 -2.73
C ALA A 131 -4.39 -7.25 -3.44
N GLU A 132 -5.64 -7.18 -2.99
CA GLU A 132 -6.70 -8.00 -3.58
C GLU A 132 -6.99 -7.55 -5.02
N ARG A 133 -6.99 -6.25 -5.26
CA ARG A 133 -7.15 -5.73 -6.63
C ARG A 133 -6.10 -6.33 -7.57
N ILE A 134 -4.85 -6.38 -7.12
CA ILE A 134 -3.79 -7.00 -7.93
C ILE A 134 -4.06 -8.49 -8.15
N ARG A 135 -4.55 -9.20 -7.12
CA ARG A 135 -4.83 -10.62 -7.29
C ARG A 135 -5.93 -10.84 -8.30
N GLN A 136 -6.91 -9.94 -8.29
CA GLN A 136 -8.02 -10.00 -9.22
C GLN A 136 -7.57 -9.69 -10.64
N LEU A 137 -6.71 -8.70 -10.79
CA LEU A 137 -6.17 -8.40 -12.13
C LEU A 137 -5.46 -9.64 -12.70
N LYS A 138 -4.75 -10.38 -11.84
CA LYS A 138 -4.04 -11.58 -12.31
C LYS A 138 -5.06 -12.63 -12.76
N THR A 139 -6.18 -12.72 -12.04
CA THR A 139 -7.22 -13.66 -12.41
C THR A 139 -7.77 -13.28 -13.78
N VAL A 140 -7.93 -11.99 -14.01
CA VAL A 140 -8.45 -11.48 -15.27
C VAL A 140 -7.49 -11.79 -16.40
N LEU A 141 -6.23 -11.45 -16.20
CA LEU A 141 -5.23 -11.62 -17.25
C LEU A 141 -5.01 -13.10 -17.57
N GLY A 142 -5.05 -13.94 -16.53
CA GLY A 142 -4.99 -15.39 -16.70
C GLY A 142 -6.13 -15.93 -17.53
N LYS A 143 -7.35 -15.44 -17.28
CA LYS A 143 -8.51 -15.85 -18.05
C LYS A 143 -8.40 -15.43 -19.53
N MET A 144 -7.92 -14.21 -19.80
CA MET A 144 -7.73 -13.74 -21.16
C MET A 144 -6.82 -14.68 -21.95
N GLN A 145 -5.82 -15.23 -21.29
CA GLN A 145 -4.88 -16.09 -21.98
CA GLN A 145 -4.85 -16.13 -21.91
C GLN A 145 -5.44 -17.50 -22.24
N GLU A 146 -6.40 -17.92 -21.44
CA GLU A 146 -6.96 -19.28 -21.54
C GLU A 146 -7.89 -19.45 -22.75
N ALA A 147 -8.47 -18.38 -23.24
CA ALA A 147 -9.40 -18.49 -24.36
C ALA A 147 -8.71 -19.07 -25.59
N PRO A 148 -9.47 -19.80 -26.44
CA PRO A 148 -8.89 -20.35 -27.68
C PRO A 148 -8.20 -19.29 -28.52
N ASP A 149 -7.14 -19.67 -29.23
CA ASP A 149 -6.35 -18.69 -29.98
C ASP A 149 -7.17 -18.07 -31.12
N SER A 150 -8.20 -18.78 -31.56
CA SER A 150 -9.08 -18.28 -32.61
C SER A 150 -10.06 -17.21 -32.12
N THR A 151 -10.34 -17.20 -30.82
CA THR A 151 -11.28 -16.24 -30.23
C THR A 151 -10.62 -14.90 -29.94
N THR A 152 -11.38 -13.83 -30.11
CA THR A 152 -10.89 -12.48 -29.82
C THR A 152 -11.37 -12.09 -28.43
N VAL A 153 -10.43 -11.77 -27.54
CA VAL A 153 -10.78 -11.49 -26.15
C VAL A 153 -10.66 -10.01 -25.91
N ILE A 154 -11.72 -9.45 -25.34
CA ILE A 154 -11.72 -8.04 -24.94
C ILE A 154 -12.21 -7.95 -23.52
N PHE A 155 -11.38 -7.39 -22.65
CA PHE A 155 -11.80 -6.98 -21.33
C PHE A 155 -12.04 -5.49 -21.32
N ALA A 156 -13.15 -5.06 -20.73
CA ALA A 156 -13.39 -3.64 -20.55
C ALA A 156 -14.16 -3.44 -19.25
N GLY A 157 -13.57 -2.68 -18.34
CA GLY A 157 -14.22 -2.50 -17.05
C GLY A 157 -13.55 -1.50 -16.15
N ASP A 158 -14.07 -1.43 -14.92
CA ASP A 158 -13.54 -0.52 -13.93
C ASP A 158 -12.53 -1.27 -13.10
N THR A 159 -11.27 -1.02 -13.40
CA THR A 159 -10.17 -1.77 -12.79
C THR A 159 -9.70 -1.16 -11.48
N ASN A 160 -10.07 0.10 -11.22
CA ASN A 160 -9.61 0.82 -10.05
C ASN A 160 -8.09 0.82 -9.90
N LEU A 161 -7.40 0.61 -11.00
CA LEU A 161 -5.94 0.52 -10.96
C LEU A 161 -5.22 1.85 -10.86
N ARG A 162 -4.11 1.81 -10.11
CA ARG A 162 -3.08 2.82 -10.13
C ARG A 162 -1.95 2.26 -10.97
N ASP A 163 -1.16 3.12 -11.62
CA ASP A 163 -0.15 2.65 -12.55
C ASP A 163 0.88 1.75 -11.88
N GLN A 164 1.25 2.10 -10.65
CA GLN A 164 2.24 1.33 -9.92
C GLN A 164 1.78 -0.11 -9.70
N GLU A 165 0.47 -0.33 -9.73
CA GLU A 165 -0.10 -1.64 -9.42
C GLU A 165 0.03 -2.60 -10.61
N VAL A 166 -0.07 -2.08 -11.83
CA VAL A 166 0.15 -2.92 -13.02
C VAL A 166 1.60 -3.39 -13.09
N ILE A 167 2.54 -2.52 -12.70
CA ILE A 167 3.95 -2.93 -12.59
C ILE A 167 4.13 -3.98 -11.48
N LYS A 168 3.59 -3.71 -10.30
CA LYS A 168 3.67 -4.67 -9.20
C LYS A 168 3.07 -6.01 -9.59
N CYS A 169 2.12 -5.96 -10.51
CA CYS A 169 1.48 -7.16 -11.04
C CYS A 169 2.39 -7.89 -12.03
N GLY A 170 3.43 -7.21 -12.48
CA GLY A 170 4.36 -7.77 -13.44
C GLY A 170 4.15 -7.25 -14.84
N GLY A 171 3.40 -6.15 -14.97
CA GLY A 171 3.11 -5.57 -16.26
C GLY A 171 2.17 -6.45 -17.07
N LEU A 172 1.61 -5.91 -18.15
CA LEU A 172 0.71 -6.71 -19.00
C LEU A 172 1.52 -7.76 -19.75
N PRO A 173 0.98 -8.99 -19.88
CA PRO A 173 1.68 -10.03 -20.66
C PRO A 173 1.90 -9.63 -22.12
N ASP A 174 2.86 -10.26 -22.79
CA ASP A 174 3.33 -9.82 -24.12
C ASP A 174 2.24 -9.72 -25.18
N ASN A 175 1.21 -10.55 -25.08
CA ASN A 175 0.16 -10.60 -26.10
C ASN A 175 -1.13 -9.90 -25.65
N VAL A 176 -1.04 -9.13 -24.57
CA VAL A 176 -2.20 -8.38 -24.08
C VAL A 176 -1.88 -6.89 -24.10
N PHE A 177 -2.78 -6.12 -24.69
CA PHE A 177 -2.59 -4.69 -24.89
C PHE A 177 -3.68 -3.86 -24.26
N ASP A 178 -3.30 -2.67 -23.79
CA ASP A 178 -4.23 -1.66 -23.26
C ASP A 178 -4.57 -0.72 -24.44
N ALA A 179 -5.84 -0.54 -24.75
CA ALA A 179 -6.25 0.23 -25.94
C ALA A 179 -5.79 1.68 -25.86
N TRP A 180 -5.85 2.27 -24.68
CA TRP A 180 -5.43 3.66 -24.51
C TRP A 180 -3.93 3.78 -24.81
N GLU A 181 -3.14 2.82 -24.33
CA GLU A 181 -1.70 2.81 -24.62
C GLU A 181 -1.48 2.59 -26.11
N PHE A 182 -2.25 1.66 -26.68
CA PHE A 182 -2.08 1.34 -28.10
C PHE A 182 -2.26 2.56 -28.97
N LEU A 183 -3.20 3.42 -28.61
CA LEU A 183 -3.50 4.61 -29.38
C LEU A 183 -2.57 5.78 -29.06
N GLY A 184 -1.54 5.53 -28.25
CA GLY A 184 -0.51 6.54 -28.02
C GLY A 184 -0.76 7.41 -26.80
N LYS A 185 -1.52 6.88 -25.83
CA LYS A 185 -1.80 7.59 -24.59
C LYS A 185 -2.41 8.98 -24.77
N PRO A 186 -3.49 9.10 -25.56
CA PRO A 186 -4.06 10.42 -25.85
C PRO A 186 -4.57 11.12 -24.58
N LYS A 187 -4.27 12.40 -24.44
CA LYS A 187 -4.59 13.12 -23.21
C LYS A 187 -6.10 13.34 -23.04
N HIS A 188 -6.84 13.42 -24.13
CA HIS A 188 -8.27 13.79 -24.02
C HIS A 188 -9.13 12.73 -23.31
N CYS A 189 -8.69 11.47 -23.29
CA CYS A 189 -9.50 10.45 -22.61
C CYS A 189 -8.68 9.70 -21.60
N GLN A 190 -7.65 10.34 -21.06
CA GLN A 190 -6.75 9.68 -20.15
C GLN A 190 -7.42 9.38 -18.79
N TYR A 191 -8.06 10.41 -18.21
CA TYR A 191 -8.70 10.26 -16.91
C TYR A 191 -10.18 9.97 -17.01
N THR A 192 -10.62 8.90 -16.35
CA THR A 192 -12.02 8.49 -16.42
C THR A 192 -12.78 8.72 -15.11
N TRP A 193 -12.05 9.15 -14.09
CA TRP A 193 -12.63 9.52 -12.82
C TRP A 193 -11.88 10.75 -12.32
N ASP A 194 -12.58 11.89 -12.21
CA ASP A 194 -11.94 13.18 -12.00
C ASP A 194 -12.81 14.06 -11.10
N THR A 195 -12.37 14.29 -9.87
CA THR A 195 -13.24 14.93 -8.89
C THR A 195 -13.24 16.44 -9.07
N LYS A 196 -12.32 16.95 -9.87
CA LYS A 196 -12.36 18.36 -10.23
C LYS A 196 -13.45 18.62 -11.27
N ALA A 197 -13.44 17.83 -12.33
CA ALA A 197 -14.38 17.99 -13.43
C ALA A 197 -15.75 17.36 -13.15
N ASN A 198 -15.81 16.41 -12.21
CA ASN A 198 -17.05 15.71 -11.90
C ASN A 198 -17.38 15.94 -10.42
N ASN A 199 -18.61 16.39 -10.14
CA ASN A 199 -19.01 16.75 -8.79
C ASN A 199 -19.99 15.79 -8.12
N ASN A 200 -20.25 14.63 -8.72
CA ASN A 200 -21.27 13.73 -8.21
C ASN A 200 -20.99 13.25 -6.77
N LEU A 201 -19.72 13.05 -6.45
CA LEU A 201 -19.33 12.60 -5.12
C LEU A 201 -19.17 13.75 -4.14
N ARG A 202 -19.17 14.96 -4.66
CA ARG A 202 -18.96 16.15 -3.84
C ARG A 202 -17.68 16.09 -3.02
N ILE A 203 -16.62 15.51 -3.60
CA ILE A 203 -15.32 15.55 -2.93
C ILE A 203 -14.69 16.93 -3.13
N PRO A 204 -14.34 17.62 -2.03
CA PRO A 204 -13.78 18.97 -2.12
C PRO A 204 -12.27 18.98 -2.38
N ALA A 205 -11.84 18.25 -3.39
CA ALA A 205 -10.44 18.20 -3.77
C ALA A 205 -10.34 17.68 -5.20
N ALA A 206 -9.18 17.88 -5.81
CA ALA A 206 -8.94 17.51 -7.20
C ALA A 206 -8.06 16.27 -7.30
N TYR A 207 -8.66 15.13 -7.57
CA TYR A 207 -7.91 13.90 -7.82
C TYR A 207 -8.45 13.27 -9.09
N LYS A 208 -7.61 12.60 -9.84
CA LYS A 208 -8.05 12.03 -11.10
C LYS A 208 -7.27 10.77 -11.40
N HIS A 209 -7.97 9.81 -11.96
CA HIS A 209 -7.43 8.47 -12.17
C HIS A 209 -7.94 7.89 -13.47
N ARG A 210 -7.12 7.04 -14.07
CA ARG A 210 -7.53 6.22 -15.20
C ARG A 210 -7.98 4.86 -14.64
N PHE A 211 -9.13 4.85 -13.99
CA PHE A 211 -9.67 3.63 -13.39
C PHE A 211 -10.23 2.67 -14.43
N ASP A 212 -10.84 3.23 -15.48
CA ASP A 212 -11.51 2.39 -16.46
C ASP A 212 -10.56 2.09 -17.63
N ARG A 213 -10.37 0.81 -17.92
CA ARG A 213 -9.39 0.37 -18.89
C ARG A 213 -9.94 -0.72 -19.78
N ILE A 214 -9.36 -0.80 -20.98
CA ILE A 214 -9.70 -1.79 -21.99
C ILE A 214 -8.44 -2.58 -22.31
N PHE A 215 -8.50 -3.90 -22.14
CA PHE A 215 -7.40 -4.79 -22.51
C PHE A 215 -7.87 -5.71 -23.62
N PHE A 216 -7.00 -6.03 -24.57
CA PHE A 216 -7.40 -6.99 -25.57
C PHE A 216 -6.26 -7.92 -25.92
N ARG A 217 -6.66 -9.13 -26.27
CA ARG A 217 -5.75 -10.16 -26.75
C ARG A 217 -6.23 -10.66 -28.09
N ALA A 218 -5.43 -10.40 -29.12
CA ALA A 218 -5.71 -10.95 -30.45
C ALA A 218 -4.44 -11.49 -31.12
N GLU A 219 -4.64 -12.48 -31.99
CA GLU A 219 -3.56 -12.93 -32.86
C GLU A 219 -2.94 -11.72 -33.57
N GLU A 220 -1.63 -11.74 -33.75
CA GLU A 220 -0.85 -10.62 -34.27
C GLU A 220 -1.62 -9.81 -35.34
N GLY A 221 -2.00 -8.59 -34.99
CA GLY A 221 -2.60 -7.67 -35.94
C GLY A 221 -4.07 -7.87 -36.27
N HIS A 222 -4.70 -8.86 -35.66
CA HIS A 222 -6.11 -9.14 -35.97
C HIS A 222 -7.09 -8.19 -35.30
N LEU A 223 -6.62 -7.41 -34.32
CA LEU A 223 -7.50 -6.47 -33.60
C LEU A 223 -6.83 -5.12 -33.45
N ILE A 224 -7.38 -4.11 -34.13
CA ILE A 224 -6.73 -2.81 -34.23
C ILE A 224 -7.66 -1.75 -33.67
N PRO A 225 -7.35 -1.23 -32.47
CA PRO A 225 -8.14 -0.12 -31.96
C PRO A 225 -8.15 1.06 -32.93
N GLN A 226 -9.33 1.64 -33.14
CA GLN A 226 -9.47 2.76 -34.07
C GLN A 226 -9.65 4.10 -33.35
N SER A 227 -10.40 4.11 -32.26
CA SER A 227 -10.64 5.36 -31.54
C SER A 227 -11.00 5.08 -30.09
N LEU A 228 -10.76 6.07 -29.23
CA LEU A 228 -11.14 6.03 -27.83
C LEU A 228 -11.54 7.45 -27.44
N ASP A 229 -12.73 7.58 -26.84
CA ASP A 229 -13.26 8.88 -26.46
C ASP A 229 -14.06 8.76 -25.16
N LEU A 230 -14.13 9.85 -24.41
CA LEU A 230 -15.00 9.89 -23.21
C LEU A 230 -16.45 10.18 -23.57
N VAL A 231 -17.37 9.67 -22.74
CA VAL A 231 -18.78 10.00 -22.83
C VAL A 231 -19.28 10.28 -21.42
N GLY A 232 -20.42 10.96 -21.31
CA GLY A 232 -21.07 11.20 -20.04
C GLY A 232 -20.62 12.48 -19.40
N LEU A 233 -20.12 13.41 -20.22
CA LEU A 233 -19.57 14.66 -19.71
C LEU A 233 -20.59 15.79 -19.63
N GLU A 234 -21.83 15.55 -20.07
CA GLU A 234 -22.88 16.56 -20.00
CA GLU A 234 -22.87 16.57 -20.00
C GLU A 234 -23.64 16.46 -18.69
N LYS A 235 -23.78 17.58 -18.01
CA LYS A 235 -24.64 17.66 -16.84
C LYS A 235 -26.08 17.46 -17.26
N LEU A 236 -26.82 16.73 -16.43
CA LEU A 236 -28.24 16.49 -16.65
C LEU A 236 -29.09 17.60 -16.04
N ASP A 237 -30.39 17.51 -16.26
CA ASP A 237 -31.31 18.53 -15.78
C ASP A 237 -31.22 18.76 -14.25
N CYS A 238 -30.90 17.72 -13.50
CA CYS A 238 -30.77 17.84 -12.04
C CYS A 238 -29.46 18.51 -11.61
N GLY A 239 -28.59 18.79 -12.58
CA GLY A 239 -27.35 19.47 -12.28
C GLY A 239 -26.22 18.53 -11.90
N ARG A 240 -26.42 17.23 -12.11
CA ARG A 240 -25.38 16.25 -11.88
C ARG A 240 -25.12 15.46 -13.17
N PHE A 241 -24.04 14.70 -13.14
CA PHE A 241 -23.67 13.85 -14.25
C PHE A 241 -24.32 12.48 -14.13
N PRO A 242 -24.33 11.70 -15.23
CA PRO A 242 -24.90 10.35 -15.12
C PRO A 242 -24.20 9.51 -14.07
N SER A 243 -22.92 9.74 -13.89
CA SER A 243 -22.17 8.97 -12.93
C SER A 243 -20.97 9.77 -12.42
N ASP A 244 -20.30 9.28 -11.39
CA ASP A 244 -19.06 9.90 -10.95
C ASP A 244 -17.91 9.54 -11.91
N HIS A 245 -18.11 8.54 -12.75
CA HIS A 245 -17.14 8.19 -13.79
C HIS A 245 -17.57 8.74 -15.13
N TRP A 246 -16.59 9.03 -15.99
CA TRP A 246 -16.85 9.17 -17.40
C TRP A 246 -16.88 7.77 -18.00
N GLY A 247 -17.69 7.57 -19.02
CA GLY A 247 -17.63 6.33 -19.79
C GLY A 247 -16.60 6.43 -20.92
N LEU A 248 -16.21 5.27 -21.43
CA LEU A 248 -15.30 5.16 -22.58
C LEU A 248 -16.01 4.56 -23.74
N LEU A 249 -15.95 5.25 -24.87
CA LEU A 249 -16.43 4.73 -26.15
C LEU A 249 -15.23 4.32 -26.99
N CYS A 250 -15.23 3.07 -27.44
CA CYS A 250 -14.09 2.52 -28.16
C CYS A 250 -14.58 1.86 -29.43
N THR A 251 -13.86 2.07 -30.54
CA THR A 251 -14.11 1.29 -31.75
C THR A 251 -12.83 0.53 -32.13
N LEU A 252 -13.00 -0.71 -32.54
CA LEU A 252 -11.88 -1.59 -32.93
C LEU A 252 -12.20 -2.25 -34.26
N ASN A 253 -11.22 -2.43 -35.12
N ASN A 253 -11.19 -2.46 -35.09
CA ASN A 253 -11.44 -3.21 -36.32
CA ASN A 253 -11.38 -3.18 -36.33
C ASN A 253 -10.93 -4.63 -36.11
C ASN A 253 -10.88 -4.62 -36.19
N VAL A 254 -11.67 -5.58 -36.69
CA VAL A 254 -11.26 -6.97 -36.72
C VAL A 254 -10.73 -7.27 -38.11
N VAL A 255 -9.44 -7.58 -38.22
CA VAL A 255 -8.74 -7.67 -39.48
C VAL A 255 -8.25 -9.10 -39.80
N LEU A 256 -8.41 -9.51 -41.05
CA LEU A 256 -7.95 -10.83 -41.51
C LEU A 256 -6.49 -11.09 -41.16
N THR B 9 33.85 -5.23 26.70
CA THR B 9 32.57 -5.56 27.32
C THR B 9 31.71 -4.31 27.52
N ILE B 10 30.60 -4.23 26.80
CA ILE B 10 29.70 -3.08 26.87
C ILE B 10 28.25 -3.54 26.91
N SER B 11 27.38 -2.76 27.57
CA SER B 11 25.99 -3.15 27.66
C SER B 11 25.12 -2.00 27.25
N PHE B 12 23.97 -2.28 26.69
CA PHE B 12 23.02 -1.20 26.43
C PHE B 12 21.58 -1.69 26.37
N ILE B 13 20.67 -0.74 26.54
CA ILE B 13 19.25 -0.97 26.35
C ILE B 13 18.76 -0.03 25.27
N THR B 14 17.94 -0.55 24.35
CA THR B 14 17.21 0.29 23.41
C THR B 14 15.73 0.07 23.64
N TRP B 15 14.96 1.15 23.60
CA TRP B 15 13.58 1.09 24.06
C TRP B 15 12.79 2.30 23.57
N ASN B 16 11.69 2.02 22.88
CA ASN B 16 10.69 3.02 22.58
C ASN B 16 9.79 3.08 23.80
N ILE B 17 9.81 4.20 24.52
CA ILE B 17 9.16 4.27 25.81
C ILE B 17 7.78 4.95 25.77
N ASP B 18 7.29 5.22 24.57
CA ASP B 18 5.91 5.62 24.33
C ASP B 18 5.52 6.86 25.14
N GLY B 19 6.32 7.92 25.00
CA GLY B 19 6.05 9.18 25.66
C GLY B 19 4.80 9.88 25.15
N LEU B 20 4.25 9.42 24.04
CA LEU B 20 3.09 10.07 23.44
C LEU B 20 1.80 9.53 24.04
N ASP B 21 1.91 8.42 24.78
CA ASP B 21 0.81 7.93 25.58
C ASP B 21 0.83 8.66 26.91
N GLY B 22 -0.14 9.55 27.08
CA GLY B 22 -0.23 10.36 28.29
C GLY B 22 -0.78 9.63 29.50
N CYS B 23 -1.41 8.48 29.27
CA CYS B 23 -2.02 7.76 30.38
C CYS B 23 -0.97 7.05 31.24
N ASN B 24 -1.05 7.29 32.55
CA ASN B 24 -0.11 6.76 33.53
C ASN B 24 1.34 7.10 33.21
N LEU B 25 1.59 8.22 32.53
CA LEU B 25 2.92 8.46 32.02
C LEU B 25 3.94 8.63 33.16
N PRO B 26 3.59 9.37 34.21
CA PRO B 26 4.53 9.45 35.35
C PRO B 26 4.88 8.09 35.94
N GLU B 27 3.90 7.23 36.17
CA GLU B 27 4.17 5.91 36.73
C GLU B 27 5.02 5.07 35.76
N ARG B 28 4.73 5.16 34.47
CA ARG B 28 5.46 4.37 33.49
C ARG B 28 6.90 4.84 33.30
N ALA B 29 7.13 6.15 33.40
CA ALA B 29 8.48 6.68 33.33
C ALA B 29 9.30 6.18 34.49
N ARG B 30 8.69 6.19 35.68
CA ARG B 30 9.38 5.69 36.85
C ARG B 30 9.61 4.19 36.67
N GLY B 31 8.66 3.53 36.03
CA GLY B 31 8.82 2.11 35.70
C GLY B 31 9.98 1.84 34.77
N VAL B 32 10.14 2.68 33.73
CA VAL B 32 11.29 2.55 32.86
C VAL B 32 12.59 2.67 33.62
N CYS B 33 12.71 3.69 34.45
CA CYS B 33 13.97 3.92 35.15
C CYS B 33 14.24 2.88 36.25
N SER B 34 13.19 2.34 36.88
CA SER B 34 13.40 1.24 37.81
C SER B 34 14.04 0.08 37.08
N CYS B 35 13.64 -0.13 35.83
CA CYS B 35 14.21 -1.19 35.01
CA CYS B 35 14.22 -1.18 34.99
C CYS B 35 15.65 -0.85 34.60
N LEU B 36 15.92 0.41 34.29
CA LEU B 36 17.27 0.82 33.95
C LEU B 36 18.21 0.68 35.16
N ALA B 37 17.69 0.97 36.34
CA ALA B 37 18.48 0.87 37.57
C ALA B 37 18.93 -0.56 37.81
N LEU B 38 18.08 -1.51 37.44
CA LEU B 38 18.37 -2.92 37.70
C LEU B 38 19.56 -3.39 36.88
N TYR B 39 19.64 -2.94 35.63
CA TYR B 39 20.67 -3.42 34.70
C TYR B 39 21.84 -2.45 34.53
N SER B 40 21.65 -1.20 34.93
CA SER B 40 22.67 -0.15 34.89
C SER B 40 23.57 -0.20 33.64
N PRO B 41 22.94 -0.19 32.45
CA PRO B 41 23.71 -0.34 31.22
C PRO B 41 24.62 0.85 30.99
N ASP B 42 25.64 0.64 30.18
CA ASP B 42 26.56 1.70 29.80
C ASP B 42 25.89 2.75 28.93
N VAL B 43 24.96 2.32 28.10
CA VAL B 43 24.30 3.20 27.11
C VAL B 43 22.83 2.87 27.07
N VAL B 44 21.99 3.89 26.93
CA VAL B 44 20.57 3.68 26.77
C VAL B 44 20.16 4.46 25.54
N PHE B 45 19.55 3.78 24.58
CA PHE B 45 18.94 4.39 23.42
C PHE B 45 17.42 4.45 23.64
N LEU B 46 16.84 5.65 23.63
CA LEU B 46 15.41 5.83 23.85
C LEU B 46 14.74 6.45 22.65
N GLN B 47 13.51 6.03 22.39
CA GLN B 47 12.67 6.66 21.38
C GLN B 47 11.32 7.06 21.99
N GLU B 48 10.72 8.05 21.34
CA GLU B 48 9.43 8.65 21.77
C GLU B 48 9.52 9.33 23.14
N VAL B 49 10.65 9.98 23.38
CA VAL B 49 10.81 10.86 24.53
C VAL B 49 10.11 12.20 24.26
N ILE B 50 9.45 12.78 25.28
CA ILE B 50 8.85 14.11 25.14
C ILE B 50 9.52 15.04 26.17
N PRO B 51 9.35 16.38 26.02
CA PRO B 51 10.14 17.28 26.87
C PRO B 51 10.04 17.03 28.39
N PRO B 52 8.83 16.85 28.92
CA PRO B 52 8.79 16.63 30.37
C PRO B 52 9.41 15.30 30.77
N TYR B 53 9.39 14.31 29.87
CA TYR B 53 10.03 13.02 30.12
C TYR B 53 11.54 13.18 30.10
N CYS B 54 12.02 13.97 29.13
CA CYS B 54 13.42 14.34 29.08
C CYS B 54 13.85 15.10 30.34
N ALA B 55 13.00 16.00 30.81
CA ALA B 55 13.29 16.76 32.01
C ALA B 55 13.43 15.79 33.20
N TYR B 56 12.54 14.82 33.26
CA TYR B 56 12.59 13.77 34.30
C TYR B 56 13.92 13.01 34.24
N LEU B 57 14.32 12.57 33.05
CA LEU B 57 15.55 11.80 32.90
C LEU B 57 16.81 12.58 33.32
N LYS B 58 16.85 13.88 33.05
CA LYS B 58 18.03 14.67 33.41
C LYS B 58 18.25 14.68 34.92
N LYS B 59 17.16 14.54 35.67
CA LYS B 59 17.25 14.46 37.12
C LYS B 59 17.49 13.01 37.56
N ARG B 60 16.64 12.10 37.10
CA ARG B 60 16.66 10.71 37.56
C ARG B 60 17.92 10.01 37.08
N ALA B 61 18.31 10.29 35.85
CA ALA B 61 19.49 9.70 35.26
C ALA B 61 20.63 10.71 35.19
N ALA B 62 20.69 11.58 36.19
CA ALA B 62 21.72 12.62 36.26
C ALA B 62 23.13 12.02 36.27
N SER B 63 23.23 10.71 36.50
CA SER B 63 24.49 9.97 36.41
C SER B 63 24.86 9.57 34.95
N TYR B 64 24.00 9.89 34.01
CA TYR B 64 24.26 9.69 32.57
C TYR B 64 24.38 11.02 31.88
N THR B 65 25.22 11.10 30.86
CA THR B 65 25.20 12.24 29.96
C THR B 65 24.05 11.99 29.00
N ILE B 66 23.18 12.97 28.82
CA ILE B 66 21.98 12.79 28.02
C ILE B 66 22.04 13.66 26.76
N ILE B 67 21.96 12.98 25.61
CA ILE B 67 22.03 13.60 24.29
C ILE B 67 20.68 13.43 23.60
N THR B 68 20.09 14.51 23.08
CA THR B 68 18.73 14.42 22.51
C THR B 68 18.62 14.73 21.03
N GLY B 69 17.63 14.12 20.38
CA GLY B 69 17.43 14.27 18.94
C GLY B 69 16.57 15.48 18.56
N ASN B 70 15.94 16.10 19.55
CA ASN B 70 15.18 17.33 19.33
C ASN B 70 14.83 17.97 20.67
N GLU B 71 14.16 19.11 20.60
CA GLU B 71 13.75 19.86 21.78
C GLU B 71 12.22 19.89 21.89
N GLU B 72 11.55 19.53 20.80
CA GLU B 72 10.12 19.74 20.66
C GLU B 72 9.45 18.48 20.17
N GLY B 73 8.15 18.36 20.48
CA GLY B 73 7.37 17.23 20.01
C GLY B 73 7.81 15.96 20.71
N TYR B 74 8.24 14.95 19.95
CA TYR B 74 8.77 13.74 20.54
C TYR B 74 10.04 13.42 19.77
N PHE B 75 10.98 12.76 20.44
CA PHE B 75 12.31 12.62 19.86
C PHE B 75 13.08 11.51 20.52
N THR B 76 14.25 11.21 19.98
CA THR B 76 15.11 10.17 20.53
C THR B 76 16.08 10.76 21.55
N ALA B 77 16.74 9.88 22.30
CA ALA B 77 17.79 10.31 23.19
C ALA B 77 18.82 9.18 23.34
N ILE B 78 20.04 9.54 23.69
CA ILE B 78 21.09 8.56 24.00
C ILE B 78 21.70 8.94 25.32
N LEU B 79 21.65 8.03 26.27
CA LEU B 79 22.20 8.23 27.59
C LEU B 79 23.51 7.49 27.71
N LEU B 80 24.52 8.17 28.23
CA LEU B 80 25.88 7.67 28.30
C LEU B 80 26.37 7.69 29.74
N LYS B 81 26.73 6.52 30.26
CA LYS B 81 27.07 6.42 31.69
C LYS B 81 28.39 7.10 32.00
N LYS B 82 28.32 8.11 32.87
CA LYS B 82 29.51 8.88 33.19
C LYS B 82 30.52 7.95 33.84
N GLY B 83 31.80 8.15 33.52
CA GLY B 83 32.86 7.31 34.06
C GLY B 83 33.17 6.17 33.12
N ARG B 84 32.13 5.52 32.62
CA ARG B 84 32.28 4.39 31.71
C ARG B 84 32.47 4.88 30.27
N VAL B 85 31.61 5.80 29.85
CA VAL B 85 31.62 6.28 28.47
C VAL B 85 32.08 7.73 28.40
N LYS B 86 33.05 7.98 27.53
CA LYS B 86 33.52 9.32 27.26
C LYS B 86 32.79 9.87 26.03
N PHE B 87 32.07 10.97 26.23
CA PHE B 87 31.35 11.64 25.15
C PHE B 87 32.27 12.58 24.36
N LYS B 88 32.41 12.35 23.06
CA LYS B 88 33.29 13.16 22.21
C LYS B 88 32.54 14.12 21.28
N SER B 89 31.40 13.71 20.75
CA SER B 89 30.57 14.60 19.94
C SER B 89 29.22 13.99 19.63
N GLN B 90 28.25 14.82 19.25
CA GLN B 90 26.99 14.34 18.73
C GLN B 90 26.79 14.84 17.33
N GLU B 91 26.11 14.05 16.53
CA GLU B 91 25.74 14.45 15.18
C GLU B 91 24.27 14.09 14.94
N ILE B 92 23.54 14.98 14.31
CA ILE B 92 22.18 14.70 13.88
C ILE B 92 22.07 14.80 12.37
N ILE B 93 21.54 13.76 11.75
CA ILE B 93 21.32 13.68 10.32
C ILE B 93 19.82 13.72 10.03
N PRO B 94 19.38 14.68 9.21
CA PRO B 94 17.93 14.80 8.99
C PRO B 94 17.40 13.73 8.04
N PHE B 95 16.11 13.46 8.13
CA PHE B 95 15.41 12.68 7.12
C PHE B 95 14.54 13.67 6.37
N PRO B 96 15.05 14.21 5.24
CA PRO B 96 14.36 15.34 4.60
C PRO B 96 12.88 15.14 4.31
N ASN B 97 12.43 13.91 4.05
CA ASN B 97 11.03 13.71 3.70
C ASN B 97 10.18 13.11 4.81
N THR B 98 10.69 13.08 6.04
CA THR B 98 9.89 12.58 7.14
C THR B 98 8.64 13.46 7.31
N LYS B 99 7.54 12.83 7.72
CA LYS B 99 6.32 13.55 8.10
C LYS B 99 6.10 13.46 9.60
N MET B 100 7.09 12.94 10.32
CA MET B 100 6.94 12.62 11.73
C MET B 100 8.14 13.06 12.55
N MET B 101 8.85 14.06 12.02
CA MET B 101 10.01 14.67 12.66
CA MET B 101 9.99 14.66 12.72
C MET B 101 11.10 13.65 13.02
N ARG B 102 11.16 12.57 12.26
CA ARG B 102 12.18 11.56 12.51
C ARG B 102 13.54 11.99 11.98
N ASN B 103 14.59 11.48 12.61
CA ASN B 103 15.96 11.78 12.20
C ASN B 103 16.91 10.73 12.71
N LEU B 104 18.21 10.93 12.46
CA LEU B 104 19.24 10.00 12.87
C LEU B 104 20.18 10.68 13.84
N LEU B 105 20.21 10.15 15.07
CA LEU B 105 21.03 10.72 16.15
C LEU B 105 22.26 9.84 16.36
N CYS B 106 23.46 10.42 16.26
CA CYS B 106 24.70 9.68 16.43
C CYS B 106 25.50 10.31 17.52
N VAL B 107 26.26 9.51 18.26
CA VAL B 107 27.24 10.07 19.17
C VAL B 107 28.54 9.32 18.97
N ASN B 108 29.64 10.07 19.02
CA ASN B 108 30.96 9.50 18.98
C ASN B 108 31.45 9.42 20.41
N VAL B 109 31.83 8.23 20.82
CA VAL B 109 32.31 8.03 22.18
C VAL B 109 33.49 7.06 22.22
N SER B 110 34.12 6.98 23.39
CA SER B 110 35.06 5.90 23.65
C SER B 110 34.79 5.23 24.99
N LEU B 111 35.10 3.93 25.00
CA LEU B 111 35.25 3.15 26.21
C LEU B 111 36.66 2.57 26.19
N GLY B 112 37.50 3.03 27.11
CA GLY B 112 38.91 2.70 27.06
C GLY B 112 39.51 3.24 25.77
N GLY B 113 40.25 2.38 25.08
CA GLY B 113 40.86 2.76 23.80
C GLY B 113 39.92 2.51 22.63
N ASN B 114 38.73 1.98 22.92
CA ASN B 114 37.78 1.64 21.87
C ASN B 114 36.84 2.78 21.50
N GLU B 115 36.95 3.22 20.25
CA GLU B 115 36.08 4.25 19.69
C GLU B 115 34.80 3.64 19.14
N PHE B 116 33.67 4.28 19.45
CA PHE B 116 32.37 3.85 18.97
C PHE B 116 31.63 5.00 18.30
N CYS B 117 30.84 4.66 17.29
CA CYS B 117 29.78 5.54 16.79
C CYS B 117 28.43 4.86 17.06
N LEU B 118 27.68 5.46 17.98
CA LEU B 118 26.42 4.90 18.43
C LEU B 118 25.29 5.72 17.85
N MET B 119 24.30 5.04 17.29
CA MET B 119 23.28 5.66 16.50
C MET B 119 21.90 5.15 16.90
N THR B 120 20.91 6.04 16.89
CA THR B 120 19.54 5.58 17.06
C THR B 120 18.59 6.40 16.23
N SER B 121 17.43 5.81 16.00
CA SER B 121 16.38 6.47 15.24
C SER B 121 15.08 5.78 15.55
N HIS B 122 13.99 6.46 15.23
CA HIS B 122 12.65 5.92 15.29
C HIS B 122 12.14 6.03 13.86
N LEU B 123 12.26 4.97 13.07
CA LEU B 123 11.95 5.13 11.65
C LEU B 123 10.46 5.32 11.46
N GLU B 124 10.11 6.03 10.38
CA GLU B 124 8.75 6.36 10.01
C GLU B 124 7.80 5.20 10.29
N SER B 125 6.69 5.52 10.95
CA SER B 125 5.77 4.52 11.48
C SER B 125 4.66 4.09 10.51
N THR B 126 4.13 2.91 10.76
CA THR B 126 2.94 2.33 10.11
C THR B 126 3.20 1.76 8.72
N ARG B 127 2.37 0.78 8.36
CA ARG B 127 2.51 0.08 7.08
C ARG B 127 2.40 1.04 5.91
N GLU B 128 1.54 2.05 6.04
CA GLU B 128 1.28 2.96 4.94
C GLU B 128 2.53 3.76 4.54
N HIS B 129 3.49 3.92 5.45
CA HIS B 129 4.67 4.74 5.18
C HIS B 129 5.93 3.91 4.93
N SER B 130 5.73 2.71 4.39
CA SER B 130 6.82 1.79 4.11
C SER B 130 7.91 2.42 3.22
N ALA B 131 7.49 3.13 2.19
CA ALA B 131 8.46 3.65 1.22
C ALA B 131 9.41 4.64 1.88
N GLU B 132 8.89 5.53 2.74
CA GLU B 132 9.75 6.50 3.43
C GLU B 132 10.64 5.79 4.46
N ARG B 133 10.07 4.79 5.14
CA ARG B 133 10.82 4.00 6.12
C ARG B 133 12.01 3.33 5.45
N ILE B 134 11.79 2.77 4.26
CA ILE B 134 12.87 2.13 3.52
C ILE B 134 13.93 3.17 3.12
N ARG B 135 13.50 4.35 2.70
CA ARG B 135 14.44 5.41 2.38
C ARG B 135 15.27 5.77 3.61
N GLN B 136 14.65 5.76 4.78
CA GLN B 136 15.36 6.16 5.99
C GLN B 136 16.38 5.08 6.37
N LEU B 137 16.00 3.83 6.20
CA LEU B 137 16.91 2.73 6.45
C LEU B 137 18.16 2.84 5.56
N LYS B 138 17.97 3.23 4.31
CA LYS B 138 19.12 3.40 3.41
C LYS B 138 20.05 4.51 3.92
N THR B 139 19.46 5.58 4.44
CA THR B 139 20.26 6.66 5.03
C THR B 139 21.07 6.15 6.22
N VAL B 140 20.43 5.35 7.08
CA VAL B 140 21.09 4.78 8.24
C VAL B 140 22.26 3.89 7.84
N LEU B 141 21.99 2.94 6.96
CA LEU B 141 23.03 2.02 6.50
C LEU B 141 24.16 2.78 5.83
N GLY B 142 23.81 3.82 5.08
CA GLY B 142 24.80 4.66 4.44
C GLY B 142 25.75 5.30 5.43
N LYS B 143 25.17 5.79 6.52
CA LYS B 143 25.95 6.47 7.54
C LYS B 143 26.87 5.51 8.28
N MET B 144 26.39 4.28 8.51
CA MET B 144 27.17 3.27 9.19
C MET B 144 28.46 2.97 8.43
N GLN B 145 28.41 3.09 7.11
CA GLN B 145 29.56 2.83 6.25
C GLN B 145 30.58 3.98 6.26
N GLU B 146 30.20 5.14 6.76
CA GLU B 146 31.07 6.33 6.70
C GLU B 146 32.14 6.34 7.79
N ALA B 147 31.89 5.66 8.90
CA ALA B 147 32.80 5.71 10.03
C ALA B 147 34.16 5.14 9.64
N PRO B 148 35.24 5.60 10.27
CA PRO B 148 36.56 4.98 10.09
C PRO B 148 36.52 3.48 10.36
N ASP B 149 37.34 2.71 9.65
CA ASP B 149 37.31 1.25 9.82
C ASP B 149 37.65 0.84 11.25
N SER B 150 38.44 1.66 11.94
CA SER B 150 38.82 1.38 13.32
C SER B 150 37.72 1.73 14.35
N THR B 151 36.64 2.35 13.88
CA THR B 151 35.53 2.74 14.76
C THR B 151 34.43 1.71 14.71
N THR B 152 33.98 1.27 15.89
CA THR B 152 32.91 0.30 15.99
C THR B 152 31.58 1.04 15.87
N VAL B 153 30.74 0.65 14.92
CA VAL B 153 29.45 1.31 14.71
C VAL B 153 28.30 0.45 15.20
N ILE B 154 27.45 1.01 16.05
CA ILE B 154 26.24 0.32 16.52
C ILE B 154 25.03 1.21 16.32
N PHE B 155 24.05 0.69 15.59
CA PHE B 155 22.74 1.30 15.53
C PHE B 155 21.82 0.48 16.41
N ALA B 156 21.03 1.13 17.24
CA ALA B 156 20.01 0.41 17.99
C ALA B 156 18.83 1.33 18.08
N GLY B 157 17.66 0.87 17.67
CA GLY B 157 16.51 1.76 17.75
C GLY B 157 15.25 1.10 17.27
N ASP B 158 14.20 1.91 17.13
CA ASP B 158 12.90 1.40 16.70
C ASP B 158 12.78 1.60 15.21
N THR B 159 12.96 0.53 14.45
CA THR B 159 13.03 0.61 12.99
C THR B 159 11.66 0.52 12.32
N ASN B 160 10.67 0.03 13.07
CA ASN B 160 9.33 -0.24 12.53
C ASN B 160 9.36 -1.14 11.29
N LEU B 161 10.44 -1.89 11.13
CA LEU B 161 10.63 -2.67 9.91
C LEU B 161 9.86 -3.99 9.89
N ARG B 162 9.43 -4.35 8.68
CA ARG B 162 9.01 -5.69 8.35
C ARG B 162 10.17 -6.34 7.59
N ASP B 163 10.33 -7.65 7.73
CA ASP B 163 11.46 -8.34 7.08
C ASP B 163 11.51 -8.06 5.58
N GLN B 164 10.34 -8.05 4.95
CA GLN B 164 10.26 -7.83 3.51
C GLN B 164 10.82 -6.47 3.12
N GLU B 165 10.77 -5.51 4.02
CA GLU B 165 11.26 -4.18 3.71
C GLU B 165 12.78 -4.13 3.69
N VAL B 166 13.40 -4.97 4.51
CA VAL B 166 14.85 -5.07 4.52
C VAL B 166 15.31 -5.66 3.19
N ILE B 167 14.60 -6.69 2.73
CA ILE B 167 14.88 -7.29 1.43
C ILE B 167 14.68 -6.26 0.31
N LYS B 168 13.54 -5.56 0.38
CA LYS B 168 13.22 -4.52 -0.58
C LYS B 168 14.32 -3.48 -0.60
N CYS B 169 14.96 -3.29 0.55
CA CYS B 169 16.01 -2.31 0.68
C CYS B 169 17.30 -2.79 0.01
N GLY B 170 17.36 -4.10 -0.26
CA GLY B 170 18.53 -4.71 -0.88
C GLY B 170 19.22 -5.68 0.05
N GLY B 171 18.74 -5.76 1.29
CA GLY B 171 19.33 -6.59 2.32
C GLY B 171 20.45 -5.87 3.03
N LEU B 172 20.82 -6.32 4.22
CA LEU B 172 21.93 -5.71 4.93
C LEU B 172 23.20 -5.90 4.11
N PRO B 173 24.07 -4.88 4.06
CA PRO B 173 25.36 -5.06 3.38
C PRO B 173 26.22 -6.12 4.06
N ASP B 174 27.21 -6.64 3.33
CA ASP B 174 28.05 -7.73 3.82
C ASP B 174 28.71 -7.46 5.18
N ASN B 175 28.97 -6.21 5.49
CA ASN B 175 29.75 -5.86 6.69
C ASN B 175 28.89 -5.26 7.81
N VAL B 176 27.58 -5.41 7.67
CA VAL B 176 26.63 -4.95 8.67
C VAL B 176 25.78 -6.13 9.10
N PHE B 177 25.73 -6.36 10.39
CA PHE B 177 25.04 -7.50 10.95
C PHE B 177 23.93 -7.09 11.90
N ASP B 178 22.90 -7.93 11.98
CA ASP B 178 21.80 -7.77 12.93
C ASP B 178 22.11 -8.65 14.14
N ALA B 179 22.15 -8.07 15.34
CA ALA B 179 22.62 -8.80 16.52
C ALA B 179 21.72 -9.99 16.84
N TRP B 180 20.42 -9.83 16.66
CA TRP B 180 19.49 -10.91 16.89
C TRP B 180 19.73 -12.06 15.94
N GLU B 181 20.02 -11.74 14.68
CA GLU B 181 20.33 -12.79 13.72
C GLU B 181 21.65 -13.43 14.09
N PHE B 182 22.60 -12.60 14.50
CA PHE B 182 23.96 -13.08 14.83
C PHE B 182 23.91 -14.09 15.96
N LEU B 183 23.01 -13.85 16.90
CA LEU B 183 22.88 -14.72 18.07
C LEU B 183 22.04 -15.96 17.79
N GLY B 184 21.69 -16.16 16.52
CA GLY B 184 20.99 -17.37 16.11
C GLY B 184 19.48 -17.28 16.25
N LYS B 185 18.95 -16.05 16.19
CA LYS B 185 17.52 -15.83 16.16
C LYS B 185 16.76 -16.47 17.34
N PRO B 186 17.18 -16.16 18.58
CA PRO B 186 16.50 -16.71 19.75
C PRO B 186 15.02 -16.31 19.82
N LYS B 187 14.18 -17.28 20.15
CA LYS B 187 12.74 -17.07 20.13
C LYS B 187 12.25 -16.25 21.32
N HIS B 188 12.99 -16.28 22.42
CA HIS B 188 12.52 -15.66 23.65
C HIS B 188 12.54 -14.13 23.55
N CYS B 189 13.40 -13.59 22.69
CA CYS B 189 13.44 -12.13 22.52
C CYS B 189 13.19 -11.67 21.10
N GLN B 190 12.42 -12.44 20.34
CA GLN B 190 12.21 -12.13 18.93
C GLN B 190 11.28 -10.91 18.73
N TYR B 191 10.12 -10.93 19.34
CA TYR B 191 9.13 -9.88 19.12
C TYR B 191 9.23 -8.81 20.20
N THR B 192 9.35 -7.56 19.78
CA THR B 192 9.59 -6.45 20.70
C THR B 192 8.33 -5.60 20.81
N TRP B 193 7.33 -5.93 20.01
CA TRP B 193 6.04 -5.27 20.04
C TRP B 193 4.99 -6.34 19.82
N ASP B 194 4.19 -6.60 20.86
CA ASP B 194 3.35 -7.78 20.91
C ASP B 194 2.04 -7.50 21.64
N THR B 195 0.95 -7.35 20.88
CA THR B 195 -0.32 -6.92 21.45
C THR B 195 -1.04 -8.04 22.22
N LYS B 196 -0.58 -9.27 22.06
CA LYS B 196 -1.09 -10.38 22.85
C LYS B 196 -0.51 -10.34 24.26
N ALA B 197 0.80 -10.12 24.35
CA ALA B 197 1.50 -10.11 25.64
C ALA B 197 1.44 -8.73 26.31
N ASN B 198 1.24 -7.70 25.50
CA ASN B 198 1.28 -6.31 25.96
C ASN B 198 -0.07 -5.68 25.70
N ASN B 199 -0.63 -5.05 26.73
CA ASN B 199 -2.00 -4.53 26.69
C ASN B 199 -2.12 -3.01 26.66
N ASN B 200 -0.99 -2.31 26.59
CA ASN B 200 -1.02 -0.85 26.68
C ASN B 200 -1.85 -0.16 25.60
N LEU B 201 -1.84 -0.72 24.39
CA LEU B 201 -2.59 -0.13 23.29
C LEU B 201 -4.02 -0.63 23.28
N ARG B 202 -4.31 -1.63 24.11
CA ARG B 202 -5.67 -2.16 24.21
C ARG B 202 -6.18 -2.64 22.85
N ILE B 203 -5.30 -3.17 22.02
CA ILE B 203 -5.70 -3.71 20.73
C ILE B 203 -6.26 -5.13 20.91
N PRO B 204 -7.55 -5.33 20.57
CA PRO B 204 -8.23 -6.62 20.79
C PRO B 204 -7.93 -7.62 19.68
N ALA B 205 -6.66 -7.99 19.58
CA ALA B 205 -6.19 -8.90 18.56
C ALA B 205 -4.73 -9.19 18.83
N ALA B 206 -4.16 -10.15 18.09
CA ALA B 206 -2.78 -10.58 18.33
C ALA B 206 -1.89 -10.30 17.14
N TYR B 207 -1.10 -9.24 17.26
CA TYR B 207 -0.07 -8.93 16.27
C TYR B 207 1.27 -8.78 16.96
N LYS B 208 2.32 -9.33 16.34
CA LYS B 208 3.67 -9.18 16.88
C LYS B 208 4.70 -8.91 15.79
N HIS B 209 5.65 -8.04 16.09
CA HIS B 209 6.68 -7.63 15.15
C HIS B 209 8.02 -7.45 15.83
N ARG B 210 9.09 -7.57 15.05
CA ARG B 210 10.42 -7.28 15.56
C ARG B 210 10.79 -5.88 15.09
N PHE B 211 10.18 -4.87 15.71
CA PHE B 211 10.37 -3.47 15.30
C PHE B 211 11.68 -2.90 15.76
N ASP B 212 12.13 -3.35 16.92
CA ASP B 212 13.34 -2.85 17.53
C ASP B 212 14.52 -3.74 17.14
N ARG B 213 15.52 -3.14 16.52
CA ARG B 213 16.62 -3.90 15.97
C ARG B 213 17.95 -3.25 16.29
N ILE B 214 18.97 -4.10 16.30
CA ILE B 214 20.33 -3.70 16.53
C ILE B 214 21.19 -4.09 15.31
N PHE B 215 21.87 -3.10 14.72
CA PHE B 215 22.79 -3.34 13.61
C PHE B 215 24.19 -2.96 14.05
N PHE B 216 25.20 -3.73 13.65
CA PHE B 216 26.55 -3.30 13.92
C PHE B 216 27.51 -3.56 12.77
N ARG B 217 28.52 -2.69 12.72
CA ARG B 217 29.65 -2.80 11.82
C ARG B 217 30.93 -2.75 12.65
N ALA B 218 31.74 -3.78 12.53
CA ALA B 218 33.07 -3.79 13.15
C ALA B 218 34.06 -4.48 12.22
N GLU B 219 35.35 -4.14 12.34
CA GLU B 219 36.40 -4.89 11.65
C GLU B 219 36.19 -6.35 11.97
N GLU B 220 36.32 -7.20 10.96
CA GLU B 220 35.90 -8.61 11.04
C GLU B 220 36.20 -9.09 12.46
N GLY B 221 35.15 -9.30 13.23
CA GLY B 221 35.16 -10.07 14.45
C GLY B 221 35.47 -9.26 15.69
N HIS B 222 35.63 -7.95 15.53
CA HIS B 222 36.02 -7.15 16.68
C HIS B 222 34.89 -7.00 17.69
N LEU B 223 33.65 -7.05 17.22
CA LEU B 223 32.49 -6.89 18.10
C LEU B 223 31.66 -8.16 18.08
N ILE B 224 31.49 -8.77 19.25
CA ILE B 224 30.78 -10.04 19.34
C ILE B 224 29.64 -9.95 20.34
N PRO B 225 28.40 -9.88 19.83
CA PRO B 225 27.25 -9.96 20.74
C PRO B 225 27.31 -11.19 21.65
N GLN B 226 26.98 -10.99 22.92
CA GLN B 226 27.00 -12.07 23.90
C GLN B 226 25.61 -12.45 24.38
N SER B 227 24.75 -11.46 24.61
CA SER B 227 23.41 -11.76 25.11
C SER B 227 22.41 -10.78 24.58
N LEU B 228 21.16 -11.19 24.54
CA LEU B 228 20.08 -10.32 24.13
C LEU B 228 18.84 -10.79 24.87
N ASP B 229 18.18 -9.85 25.51
CA ASP B 229 17.02 -10.14 26.35
C ASP B 229 16.01 -9.02 26.30
N LEU B 230 14.75 -9.36 26.43
CA LEU B 230 13.70 -8.38 26.56
C LEU B 230 13.67 -7.84 27.98
N VAL B 231 13.36 -6.56 28.13
CA VAL B 231 13.13 -5.96 29.45
C VAL B 231 11.83 -5.14 29.43
N GLY B 232 11.37 -4.76 30.62
CA GLY B 232 10.12 -4.04 30.75
C GLY B 232 8.92 -4.97 30.68
N LEU B 233 9.13 -6.21 31.13
CA LEU B 233 8.13 -7.27 30.99
C LEU B 233 7.11 -7.35 32.13
N GLU B 234 7.28 -6.54 33.16
CA GLU B 234 6.41 -6.63 34.34
C GLU B 234 5.39 -5.50 34.41
N LYS B 235 4.13 -5.86 34.67
CA LYS B 235 3.07 -4.86 34.82
C LYS B 235 3.36 -3.99 36.02
N LEU B 236 3.03 -2.71 35.86
CA LEU B 236 3.16 -1.73 36.93
C LEU B 236 1.88 -1.73 37.76
N ASP B 237 1.87 -0.96 38.86
CA ASP B 237 0.74 -0.93 39.79
C ASP B 237 -0.59 -0.56 39.12
N CYS B 238 -0.54 0.09 37.97
CA CYS B 238 -1.74 0.51 37.25
C CYS B 238 -2.30 -0.58 36.32
N GLY B 239 -1.61 -1.71 36.24
CA GLY B 239 -2.04 -2.82 35.39
C GLY B 239 -1.56 -2.68 33.96
N ARG B 240 -0.65 -1.74 33.71
CA ARG B 240 -0.07 -1.55 32.38
C ARG B 240 1.45 -1.64 32.44
N PHE B 241 2.08 -1.78 31.28
CA PHE B 241 3.52 -1.89 31.19
C PHE B 241 4.16 -0.52 30.99
N PRO B 242 5.48 -0.43 31.22
CA PRO B 242 6.17 0.86 31.04
C PRO B 242 5.94 1.44 29.64
N SER B 243 5.83 0.55 28.65
CA SER B 243 5.63 0.97 27.27
C SER B 243 4.82 -0.07 26.51
N ASP B 244 4.36 0.27 25.31
CA ASP B 244 3.75 -0.71 24.42
C ASP B 244 4.84 -1.60 23.75
N HIS B 245 6.09 -1.16 23.79
CA HIS B 245 7.25 -1.97 23.36
C HIS B 245 7.94 -2.64 24.52
N TRP B 246 8.48 -3.84 24.29
CA TRP B 246 9.53 -4.35 25.15
C TRP B 246 10.86 -3.65 24.83
N GLY B 247 11.69 -3.45 25.84
CA GLY B 247 13.03 -2.96 25.62
C GLY B 247 13.94 -4.14 25.28
N LEU B 248 15.08 -3.85 24.66
CA LEU B 248 16.11 -4.85 24.39
C LEU B 248 17.37 -4.55 25.14
N LEU B 249 17.79 -5.49 25.99
CA LEU B 249 19.07 -5.40 26.67
C LEU B 249 20.11 -6.24 25.94
N CYS B 250 21.21 -5.61 25.56
CA CYS B 250 22.25 -6.31 24.80
C CYS B 250 23.61 -6.12 25.45
N THR B 251 24.37 -7.21 25.51
CA THR B 251 25.74 -7.14 25.98
C THR B 251 26.63 -7.69 24.88
N LEU B 252 27.75 -7.02 24.66
CA LEU B 252 28.67 -7.38 23.60
C LEU B 252 30.10 -7.26 24.10
N ASN B 253 31.00 -8.07 23.55
CA ASN B 253 32.41 -7.94 23.88
C ASN B 253 33.20 -7.33 22.73
N VAL B 254 34.14 -6.46 23.07
CA VAL B 254 35.09 -5.93 22.11
C VAL B 254 36.36 -6.79 22.15
N VAL B 255 36.67 -7.44 21.03
CA VAL B 255 37.75 -8.42 20.99
C VAL B 255 38.79 -8.02 19.95
N LEU B 256 39.97 -7.63 20.43
CA LEU B 256 41.01 -7.08 19.57
C LEU B 256 42.08 -8.12 19.27
CA CA E . -19.28 3.77 -6.91
C1 PEG F . -16.20 -18.46 -4.58
O1 PEG F . -15.29 -19.50 -4.88
C2 PEG F . -17.67 -18.99 -4.66
O2 PEG F . -18.58 -17.88 -4.74
C3 PEG F . -19.47 -17.86 -5.84
C4 PEG F . -20.88 -17.92 -5.34
O4 PEG F . -21.77 -17.86 -6.44
CA CA G . 4.29 5.17 19.98
C9 EPE H . 12.13 -5.14 35.91
C10 EPE H . 11.38 -6.04 34.93
S EPE H . 12.36 -6.50 33.53
O1S EPE H . 12.81 -5.27 32.89
O2S EPE H . 11.50 -7.29 32.67
O3S EPE H . 13.50 -7.26 34.03
C1 GOL I . 14.54 10.95 2.10
O1 GOL I . 13.33 10.36 1.68
C2 GOL I . 14.67 10.93 3.62
O2 GOL I . 13.45 11.07 4.29
C3 GOL I . 15.36 9.67 4.10
O3 GOL I . 16.72 9.95 4.27
#